data_1FWO
#
_entry.id   1FWO
#
_cell.length_a   1.000
_cell.length_b   1.000
_cell.length_c   1.000
_cell.angle_alpha   90.00
_cell.angle_beta   90.00
_cell.angle_gamma   90.00
#
_symmetry.space_group_name_H-M   'P 1'
#
_entity_poly.entity_id   1
_entity_poly.type   'polypeptide(L)'
_entity_poly.pdbx_seq_one_letter_code
;DHVCDDNFSCPAGSTCSSAFGFRNLSLVWGCSPVE
;
_entity_poly.pdbx_strand_id   A
#
# COMPACT_ATOMS: atom_id res chain seq x y z
N ASP A 1 -0.75 -14.03 3.62
CA ASP A 1 -0.84 -12.72 2.91
C ASP A 1 -0.96 -11.57 3.91
N HIS A 2 -0.63 -10.38 3.50
CA HIS A 2 -0.74 -9.22 4.42
C HIS A 2 -2.01 -8.41 4.12
N VAL A 3 -2.16 -7.26 4.73
CA VAL A 3 -3.38 -6.45 4.47
C VAL A 3 -3.23 -5.04 5.06
N CYS A 4 -2.80 -4.09 4.27
CA CYS A 4 -2.64 -2.71 4.80
C CYS A 4 -3.96 -1.94 4.68
N ASP A 5 -4.26 -1.12 5.65
CA ASP A 5 -5.53 -0.33 5.58
C ASP A 5 -6.72 -1.27 5.38
N ASP A 6 -7.10 -1.51 4.15
CA ASP A 6 -8.26 -2.42 3.89
C ASP A 6 -8.11 -3.09 2.52
N ASN A 7 -8.54 -2.45 1.48
CA ASN A 7 -8.41 -3.05 0.12
C ASN A 7 -6.94 -3.14 -0.28
N PHE A 8 -6.22 -4.08 0.26
CA PHE A 8 -4.78 -4.22 -0.10
C PHE A 8 -4.23 -5.54 0.48
N SER A 9 -3.17 -6.04 -0.10
CA SER A 9 -2.59 -7.31 0.42
C SER A 9 -1.27 -7.63 -0.28
N CYS A 10 -0.38 -8.28 0.41
CA CYS A 10 0.94 -8.63 -0.20
C CYS A 10 1.57 -9.80 0.57
N PRO A 11 1.91 -10.83 -0.17
CA PRO A 11 2.52 -12.03 0.46
C PRO A 11 3.95 -11.73 0.92
N ALA A 12 4.10 -10.78 1.80
CA ALA A 12 5.47 -10.43 2.30
C ALA A 12 6.46 -10.36 1.13
N GLY A 13 5.96 -10.11 -0.06
CA GLY A 13 6.87 -10.01 -1.23
C GLY A 13 7.02 -8.55 -1.64
N SER A 14 6.58 -7.65 -0.80
CA SER A 14 6.69 -6.20 -1.14
C SER A 14 6.36 -5.36 0.10
N THR A 15 6.10 -4.09 -0.08
CA THR A 15 5.78 -3.22 1.09
C THR A 15 4.64 -2.27 0.74
N CYS A 16 3.92 -1.82 1.73
CA CYS A 16 2.78 -0.88 1.45
C CYS A 16 3.30 0.54 1.24
N SER A 17 3.40 0.96 0.01
CA SER A 17 3.88 2.34 -0.27
C SER A 17 3.19 3.34 0.67
N SER A 18 1.91 3.19 0.84
CA SER A 18 1.17 4.11 1.75
C SER A 18 1.25 5.56 1.23
N ALA A 19 0.15 6.13 0.86
CA ALA A 19 0.15 7.53 0.36
C ALA A 19 -1.03 8.30 0.96
N PHE A 20 -1.21 9.53 0.58
CA PHE A 20 -2.36 10.32 1.13
C PHE A 20 -2.29 10.31 2.66
N GLY A 21 -1.26 10.87 3.23
CA GLY A 21 -1.14 10.89 4.71
C GLY A 21 -1.25 12.33 5.23
N PHE A 22 -1.77 13.23 4.43
CA PHE A 22 -1.90 14.65 4.87
C PHE A 22 -3.35 14.92 5.30
N ARG A 23 -4.16 13.91 5.40
CA ARG A 23 -5.58 14.12 5.81
C ARG A 23 -6.37 12.83 5.62
N ASN A 24 -5.95 11.99 4.70
CA ASN A 24 -6.68 10.71 4.45
C ASN A 24 -8.11 10.98 4.00
N LEU A 25 -8.31 11.27 2.75
CA LEU A 25 -9.68 11.52 2.23
C LEU A 25 -10.00 10.53 1.11
N SER A 26 -9.17 9.53 0.96
CA SER A 26 -9.41 8.51 -0.11
C SER A 26 -8.35 7.41 -0.02
N LEU A 27 -7.16 7.75 0.41
CA LEU A 27 -6.08 6.72 0.52
C LEU A 27 -5.84 6.04 -0.83
N VAL A 28 -4.71 6.27 -1.43
CA VAL A 28 -4.42 5.64 -2.75
C VAL A 28 -2.93 5.31 -2.86
N TRP A 29 -2.57 4.06 -2.82
CA TRP A 29 -1.13 3.68 -2.92
C TRP A 29 -1.01 2.25 -3.48
N GLY A 30 0.12 1.62 -3.30
CA GLY A 30 0.27 0.24 -3.84
C GLY A 30 1.37 -0.50 -3.06
N CYS A 31 1.73 -1.67 -3.51
CA CYS A 31 2.79 -2.45 -2.81
C CYS A 31 4.14 -2.26 -3.51
N SER A 32 5.21 -2.20 -2.77
CA SER A 32 6.55 -2.03 -3.40
C SER A 32 7.39 -3.30 -3.23
N PRO A 33 8.09 -3.67 -4.26
CA PRO A 33 8.94 -4.88 -4.23
C PRO A 33 10.19 -4.63 -3.38
N VAL A 34 10.37 -5.39 -2.34
CA VAL A 34 11.58 -5.20 -1.47
C VAL A 34 12.85 -5.52 -2.26
N GLU A 35 12.74 -6.32 -3.28
CA GLU A 35 13.95 -6.67 -4.08
C GLU A 35 13.54 -7.11 -5.50
N ASP A 1 0.18 -13.59 2.71
CA ASP A 1 -0.65 -12.35 2.65
C ASP A 1 -0.61 -11.62 3.99
N HIS A 2 -0.54 -10.31 3.96
CA HIS A 2 -0.50 -9.55 5.24
C HIS A 2 -1.66 -8.55 5.28
N VAL A 3 -2.37 -8.41 4.19
CA VAL A 3 -3.52 -7.45 4.18
C VAL A 3 -3.05 -6.04 4.55
N CYS A 4 -3.15 -5.11 3.64
CA CYS A 4 -2.70 -3.72 3.95
C CYS A 4 -3.89 -2.77 3.99
N ASP A 5 -4.33 -2.41 5.17
CA ASP A 5 -5.48 -1.47 5.29
C ASP A 5 -6.61 -1.88 4.34
N ASP A 6 -6.98 -3.14 4.34
CA ASP A 6 -8.07 -3.59 3.43
C ASP A 6 -7.79 -3.16 1.99
N ASN A 7 -8.67 -3.48 1.08
CA ASN A 7 -8.45 -3.10 -0.34
C ASN A 7 -6.99 -3.34 -0.72
N PHE A 8 -6.34 -4.27 -0.07
CA PHE A 8 -4.92 -4.55 -0.41
C PHE A 8 -4.44 -5.80 0.34
N SER A 9 -3.39 -6.42 -0.14
CA SER A 9 -2.87 -7.63 0.54
C SER A 9 -1.34 -7.53 0.68
N CYS A 10 -0.64 -7.94 -0.34
CA CYS A 10 0.85 -7.87 -0.29
C CYS A 10 1.39 -8.65 0.91
N PRO A 11 2.15 -9.67 0.62
CA PRO A 11 2.74 -10.49 1.71
C PRO A 11 3.84 -9.72 2.44
N ALA A 12 4.70 -10.42 3.12
CA ALA A 12 5.80 -9.72 3.84
C ALA A 12 6.80 -9.12 2.85
N GLY A 13 6.86 -9.68 1.67
CA GLY A 13 7.82 -9.15 0.65
C GLY A 13 7.36 -7.76 0.19
N SER A 14 6.27 -7.70 -0.54
CA SER A 14 5.77 -6.37 -1.03
C SER A 14 5.91 -5.32 0.07
N THR A 15 5.87 -4.06 -0.30
CA THR A 15 6.01 -2.98 0.72
C THR A 15 4.83 -2.02 0.66
N CYS A 16 4.17 -1.80 1.77
CA CYS A 16 3.00 -0.87 1.77
C CYS A 16 3.46 0.50 2.28
N SER A 17 3.52 1.48 1.42
CA SER A 17 3.98 2.83 1.85
C SER A 17 2.78 3.75 2.16
N SER A 18 1.69 3.56 1.48
CA SER A 18 0.51 4.43 1.73
C SER A 18 0.83 5.87 1.29
N ALA A 19 0.06 6.42 0.39
CA ALA A 19 0.34 7.81 -0.07
C ALA A 19 -0.92 8.48 -0.61
N PHE A 20 -0.76 9.48 -1.43
CA PHE A 20 -1.95 10.18 -2.01
C PHE A 20 -1.76 10.41 -3.52
N GLY A 21 -1.70 11.64 -3.96
CA GLY A 21 -1.52 11.90 -5.42
C GLY A 21 -0.90 13.29 -5.61
N PHE A 22 -1.58 14.16 -6.32
CA PHE A 22 -1.02 15.52 -6.56
C PHE A 22 -1.56 16.50 -5.52
N ARG A 23 -2.28 16.02 -4.55
CA ARG A 23 -2.83 16.93 -3.50
C ARG A 23 -3.35 16.11 -2.32
N ASN A 24 -4.21 15.15 -2.57
CA ASN A 24 -4.75 14.33 -1.46
C ASN A 24 -5.61 13.19 -2.03
N LEU A 25 -6.74 13.51 -2.59
CA LEU A 25 -7.62 12.44 -3.16
C LEU A 25 -7.65 11.23 -2.22
N SER A 26 -7.65 11.46 -0.94
CA SER A 26 -7.69 10.32 0.02
C SER A 26 -6.39 9.52 -0.08
N LEU A 27 -6.14 8.64 0.85
CA LEU A 27 -4.89 7.83 0.80
C LEU A 27 -4.66 7.30 -0.62
N VAL A 28 -5.16 6.12 -0.92
CA VAL A 28 -4.98 5.57 -2.30
C VAL A 28 -3.49 5.38 -2.62
N TRP A 29 -3.05 4.16 -2.69
CA TRP A 29 -1.61 3.91 -3.01
C TRP A 29 -1.47 2.58 -3.77
N GLY A 30 -0.27 2.05 -3.85
CA GLY A 30 -0.08 0.77 -4.60
C GLY A 30 0.71 -0.22 -3.74
N CYS A 31 1.63 -0.93 -4.34
CA CYS A 31 2.43 -1.92 -3.57
C CYS A 31 3.59 -2.44 -4.42
N SER A 32 4.75 -2.61 -3.84
CA SER A 32 5.92 -3.11 -4.65
C SER A 32 6.73 -4.11 -3.84
N PRO A 33 7.43 -4.96 -4.55
CA PRO A 33 8.27 -6.00 -3.90
C PRO A 33 9.55 -5.38 -3.34
N VAL A 34 9.43 -4.64 -2.28
CA VAL A 34 10.64 -3.99 -1.67
C VAL A 34 11.57 -3.45 -2.76
N GLU A 35 11.04 -2.71 -3.70
CA GLU A 35 11.90 -2.16 -4.79
C GLU A 35 12.64 -3.29 -5.50
N ASP A 1 -1.18 -14.22 4.28
CA ASP A 1 -1.05 -13.00 3.43
C ASP A 1 -1.20 -11.74 4.27
N HIS A 2 -0.38 -10.75 4.04
CA HIS A 2 -0.47 -9.50 4.84
C HIS A 2 -1.54 -8.57 4.25
N VAL A 3 -2.08 -7.70 5.06
CA VAL A 3 -3.13 -6.77 4.56
C VAL A 3 -2.60 -5.33 4.64
N CYS A 4 -2.27 -4.74 3.52
CA CYS A 4 -1.73 -3.35 3.54
C CYS A 4 -2.84 -2.34 3.80
N ASP A 5 -2.85 -1.74 4.98
CA ASP A 5 -3.89 -0.73 5.32
C ASP A 5 -5.24 -1.09 4.69
N ASP A 6 -5.66 -2.33 4.83
CA ASP A 6 -6.97 -2.74 4.25
C ASP A 6 -7.02 -2.37 2.76
N ASN A 7 -8.12 -2.65 2.10
CA ASN A 7 -8.23 -2.33 0.65
C ASN A 7 -7.26 -3.19 -0.15
N PHE A 8 -5.98 -3.07 0.11
CA PHE A 8 -4.99 -3.88 -0.64
C PHE A 8 -4.35 -4.92 0.27
N SER A 9 -3.75 -5.93 -0.30
CA SER A 9 -3.10 -6.99 0.53
C SER A 9 -1.78 -7.43 -0.09
N CYS A 10 -0.82 -7.75 0.73
CA CYS A 10 0.50 -8.19 0.18
C CYS A 10 1.02 -9.39 0.96
N PRO A 11 1.87 -10.15 0.31
CA PRO A 11 2.45 -11.36 0.95
C PRO A 11 3.47 -10.96 2.03
N ALA A 12 4.70 -10.77 1.65
CA ALA A 12 5.73 -10.39 2.66
C ALA A 12 6.92 -9.73 1.96
N GLY A 13 7.31 -10.23 0.82
CA GLY A 13 8.46 -9.63 0.09
C GLY A 13 8.07 -8.26 -0.46
N SER A 14 6.82 -7.89 -0.34
CA SER A 14 6.38 -6.56 -0.86
C SER A 14 5.96 -5.65 0.30
N THR A 15 5.82 -4.39 0.04
CA THR A 15 5.41 -3.44 1.10
C THR A 15 4.73 -2.21 0.49
N CYS A 16 3.79 -1.63 1.18
CA CYS A 16 3.10 -0.43 0.63
C CYS A 16 3.44 0.81 1.47
N SER A 17 3.08 1.97 1.02
CA SER A 17 3.37 3.21 1.79
C SER A 17 2.09 3.91 2.21
N SER A 18 1.03 3.73 1.47
CA SER A 18 -0.26 4.39 1.83
C SER A 18 -0.06 5.91 1.89
N ALA A 19 -0.68 6.64 1.00
CA ALA A 19 -0.52 8.13 1.01
C ALA A 19 -1.72 8.81 0.36
N PHE A 20 -1.67 10.10 0.20
CA PHE A 20 -2.81 10.83 -0.42
C PHE A 20 -2.29 12.08 -1.16
N GLY A 21 -1.70 13.00 -0.44
CA GLY A 21 -1.18 14.24 -1.09
C GLY A 21 -1.46 15.44 -0.20
N PHE A 22 -1.43 16.62 -0.74
CA PHE A 22 -1.69 17.84 0.08
C PHE A 22 -3.10 17.77 0.68
N ARG A 23 -3.95 16.94 0.14
CA ARG A 23 -5.34 16.84 0.68
C ARG A 23 -5.36 15.90 1.89
N ASN A 24 -4.70 14.78 1.79
CA ASN A 24 -4.68 13.82 2.94
C ASN A 24 -6.07 13.22 3.16
N LEU A 25 -6.76 12.89 2.10
CA LEU A 25 -8.12 12.31 2.25
C LEU A 25 -8.47 11.45 1.03
N SER A 26 -7.49 11.07 0.26
CA SER A 26 -7.77 10.24 -0.94
C SER A 26 -6.71 9.14 -1.09
N LEU A 27 -6.97 7.98 -0.57
CA LEU A 27 -5.97 6.87 -0.68
C LEU A 27 -5.53 6.70 -2.13
N VAL A 28 -4.25 6.83 -2.39
CA VAL A 28 -3.76 6.68 -3.79
C VAL A 28 -2.47 5.84 -3.82
N TRP A 29 -2.58 4.56 -3.59
CA TRP A 29 -1.35 3.70 -3.61
C TRP A 29 -1.75 2.22 -3.73
N GLY A 30 -0.85 1.33 -3.38
CA GLY A 30 -1.18 -0.12 -3.48
C GLY A 30 -0.08 -0.93 -2.77
N CYS A 31 0.78 -1.56 -3.52
CA CYS A 31 1.88 -2.36 -2.89
C CYS A 31 3.11 -2.38 -3.80
N SER A 32 4.22 -2.82 -3.30
CA SER A 32 5.46 -2.87 -4.12
C SER A 32 6.47 -3.83 -3.52
N PRO A 33 7.26 -4.42 -4.37
CA PRO A 33 8.29 -5.39 -3.93
C PRO A 33 9.46 -4.66 -3.26
N VAL A 34 10.13 -5.31 -2.35
CA VAL A 34 11.28 -4.65 -1.67
C VAL A 34 12.60 -5.19 -2.22
N GLU A 35 12.76 -5.19 -3.51
CA GLU A 35 14.03 -5.69 -4.12
C GLU A 35 15.22 -4.95 -3.53
N ASP A 1 0.27 -14.11 4.73
CA ASP A 1 -0.02 -12.95 3.86
C ASP A 1 -0.19 -11.68 4.70
N HIS A 2 0.26 -10.56 4.20
CA HIS A 2 0.12 -9.29 4.97
C HIS A 2 -1.06 -8.48 4.45
N VAL A 3 -1.23 -7.28 4.93
CA VAL A 3 -2.37 -6.44 4.46
C VAL A 3 -1.99 -4.96 4.47
N CYS A 4 -2.22 -4.28 3.37
CA CYS A 4 -1.88 -2.83 3.31
C CYS A 4 -3.09 -2.04 2.78
N ASP A 5 -3.49 -1.02 3.47
CA ASP A 5 -4.66 -0.22 3.00
C ASP A 5 -5.93 -1.10 3.03
N ASP A 6 -5.83 -2.25 3.64
CA ASP A 6 -7.02 -3.16 3.73
C ASP A 6 -7.36 -3.73 2.35
N ASN A 7 -8.11 -3.00 1.55
CA ASN A 7 -8.48 -3.52 0.20
C ASN A 7 -7.23 -4.01 -0.54
N PHE A 8 -6.08 -3.45 -0.25
CA PHE A 8 -4.83 -3.90 -0.92
C PHE A 8 -4.02 -4.79 0.02
N SER A 9 -3.29 -5.73 -0.51
CA SER A 9 -2.48 -6.62 0.38
C SER A 9 -1.22 -7.11 -0.35
N CYS A 10 -0.28 -7.65 0.38
CA CYS A 10 0.97 -8.16 -0.25
C CYS A 10 1.46 -9.42 0.48
N PRO A 11 1.88 -10.39 -0.29
CA PRO A 11 2.36 -11.67 0.28
C PRO A 11 3.75 -11.51 0.91
N ALA A 12 3.83 -10.85 2.03
CA ALA A 12 5.16 -10.66 2.70
C ALA A 12 6.25 -10.36 1.66
N GLY A 13 5.88 -9.79 0.55
CA GLY A 13 6.90 -9.47 -0.49
C GLY A 13 6.71 -8.03 -0.95
N SER A 14 6.54 -7.12 -0.03
CA SER A 14 6.34 -5.70 -0.42
C SER A 14 6.32 -4.81 0.83
N THR A 15 5.74 -3.64 0.73
CA THR A 15 5.69 -2.73 1.91
C THR A 15 4.41 -1.88 1.86
N CYS A 16 3.59 -1.97 2.88
CA CYS A 16 2.34 -1.16 2.89
C CYS A 16 2.68 0.33 3.02
N SER A 17 2.62 1.06 1.93
CA SER A 17 2.96 2.51 2.00
C SER A 17 1.70 3.36 1.86
N SER A 18 1.53 4.33 2.73
CA SER A 18 0.33 5.20 2.63
C SER A 18 0.60 6.39 1.71
N ALA A 19 -0.25 6.60 0.73
CA ALA A 19 -0.03 7.74 -0.21
C ALA A 19 -1.18 7.79 -1.23
N PHE A 20 -1.28 8.87 -1.97
CA PHE A 20 -2.38 8.98 -2.97
C PHE A 20 -1.79 9.23 -4.37
N GLY A 21 -1.45 10.46 -4.67
CA GLY A 21 -0.89 10.75 -6.02
C GLY A 21 0.18 11.84 -5.92
N PHE A 22 -0.21 13.04 -5.63
CA PHE A 22 0.80 14.14 -5.53
C PHE A 22 0.26 15.30 -4.69
N ARG A 23 -1.01 15.58 -4.77
CA ARG A 23 -1.58 16.72 -3.99
C ARG A 23 -2.29 16.22 -2.73
N ASN A 24 -3.55 15.88 -2.84
CA ASN A 24 -4.29 15.40 -1.64
C ASN A 24 -5.55 14.63 -2.06
N LEU A 25 -5.39 13.54 -2.76
CA LEU A 25 -6.58 12.75 -3.19
C LEU A 25 -6.89 11.68 -2.14
N SER A 26 -6.83 12.03 -0.88
CA SER A 26 -7.11 11.03 0.19
C SER A 26 -5.99 10.01 0.25
N LEU A 27 -6.22 8.86 0.82
CA LEU A 27 -5.14 7.84 0.89
C LEU A 27 -4.90 7.22 -0.49
N VAL A 28 -5.58 6.14 -0.79
CA VAL A 28 -5.40 5.49 -2.12
C VAL A 28 -3.98 4.96 -2.28
N TRP A 29 -3.67 3.85 -1.64
CA TRP A 29 -2.30 3.28 -1.77
C TRP A 29 -2.34 1.76 -1.59
N GLY A 30 -1.19 1.13 -1.61
CA GLY A 30 -1.16 -0.35 -1.43
C GLY A 30 0.21 -0.77 -0.90
N CYS A 31 0.91 -1.61 -1.62
CA CYS A 31 2.25 -2.05 -1.16
C CYS A 31 3.17 -2.31 -2.35
N SER A 32 4.39 -1.81 -2.29
CA SER A 32 5.34 -2.01 -3.41
C SER A 32 6.22 -3.23 -3.14
N PRO A 33 6.67 -3.85 -4.20
CA PRO A 33 7.55 -5.05 -4.08
C PRO A 33 8.94 -4.63 -3.60
N VAL A 34 9.44 -5.26 -2.56
CA VAL A 34 10.79 -4.89 -2.05
C VAL A 34 11.86 -5.76 -2.73
N GLU A 35 11.68 -6.06 -3.99
CA GLU A 35 12.68 -6.90 -4.71
C GLU A 35 12.50 -6.77 -6.22
N ASP A 1 0.44 -13.37 4.54
CA ASP A 1 0.70 -12.19 3.68
C ASP A 1 0.55 -10.90 4.50
N HIS A 2 0.62 -9.76 3.85
CA HIS A 2 0.48 -8.48 4.60
C HIS A 2 -0.66 -7.65 4.01
N VAL A 3 -1.27 -6.82 4.79
CA VAL A 3 -2.40 -5.98 4.28
C VAL A 3 -2.12 -4.49 4.53
N CYS A 4 -2.20 -3.69 3.51
CA CYS A 4 -1.95 -2.23 3.69
C CYS A 4 -3.24 -1.51 4.05
N ASP A 5 -4.34 -1.93 3.46
CA ASP A 5 -5.64 -1.26 3.78
C ASP A 5 -6.79 -2.23 3.49
N ASP A 6 -7.85 -2.13 4.23
CA ASP A 6 -9.02 -3.03 4.00
C ASP A 6 -9.29 -3.17 2.50
N ASN A 7 -8.99 -2.16 1.73
CA ASN A 7 -9.24 -2.26 0.26
C ASN A 7 -7.92 -2.54 -0.48
N PHE A 8 -7.00 -3.19 0.17
CA PHE A 8 -5.69 -3.49 -0.49
C PHE A 8 -5.00 -4.65 0.24
N SER A 9 -3.90 -5.13 -0.28
CA SER A 9 -3.19 -6.25 0.39
C SER A 9 -1.80 -6.44 -0.22
N CYS A 10 -1.13 -7.51 0.12
CA CYS A 10 0.23 -7.75 -0.44
C CYS A 10 0.87 -8.97 0.22
N PRO A 11 1.69 -9.64 -0.54
CA PRO A 11 2.40 -10.84 -0.02
C PRO A 11 3.53 -10.42 0.92
N ALA A 12 4.48 -11.28 1.14
CA ALA A 12 5.62 -10.93 2.04
C ALA A 12 6.78 -10.35 1.23
N GLY A 13 6.72 -10.45 -0.08
CA GLY A 13 7.82 -9.90 -0.91
C GLY A 13 7.65 -8.39 -1.07
N SER A 14 6.44 -7.90 -0.99
CA SER A 14 6.23 -6.43 -1.14
C SER A 14 6.00 -5.79 0.23
N THR A 15 5.79 -4.50 0.27
CA THR A 15 5.56 -3.82 1.58
C THR A 15 4.45 -2.77 1.43
N CYS A 16 3.93 -2.30 2.53
CA CYS A 16 2.85 -1.28 2.47
C CYS A 16 3.44 0.13 2.43
N SER A 17 3.28 0.82 1.34
CA SER A 17 3.84 2.21 1.25
C SER A 17 3.13 3.12 2.25
N SER A 18 2.28 4.01 1.78
CA SER A 18 1.56 4.91 2.72
C SER A 18 0.86 6.04 1.96
N ALA A 19 -0.45 6.01 1.93
CA ALA A 19 -1.22 7.08 1.23
C ALA A 19 -0.95 7.02 -0.28
N PHE A 20 -1.57 7.89 -1.03
CA PHE A 20 -1.40 7.90 -2.50
C PHE A 20 0.10 7.80 -2.86
N GLY A 21 0.40 7.73 -4.12
CA GLY A 21 1.83 7.63 -4.54
C GLY A 21 2.36 9.01 -4.94
N PHE A 22 1.53 10.01 -4.92
CA PHE A 22 2.00 11.37 -5.29
C PHE A 22 1.41 12.42 -4.34
N ARG A 23 0.34 13.06 -4.72
CA ARG A 23 -0.28 14.08 -3.82
C ARG A 23 -0.96 13.38 -2.63
N ASN A 24 -1.97 13.98 -2.09
CA ASN A 24 -2.68 13.36 -0.93
C ASN A 24 -4.17 13.19 -1.25
N LEU A 25 -4.47 12.72 -2.43
CA LEU A 25 -5.90 12.53 -2.82
C LEU A 25 -6.70 11.95 -1.65
N SER A 26 -6.08 11.17 -0.82
CA SER A 26 -6.81 10.58 0.35
C SER A 26 -5.88 9.67 1.14
N LEU A 27 -5.65 8.47 0.69
CA LEU A 27 -4.75 7.54 1.44
C LEU A 27 -4.51 6.24 0.67
N VAL A 28 -4.66 6.26 -0.63
CA VAL A 28 -4.43 5.01 -1.41
C VAL A 28 -3.11 4.37 -0.97
N TRP A 29 -2.79 3.21 -1.46
CA TRP A 29 -1.51 2.57 -1.04
C TRP A 29 -0.72 2.08 -2.25
N GLY A 30 0.56 2.33 -2.26
CA GLY A 30 1.39 1.88 -3.42
C GLY A 30 2.32 0.75 -2.98
N CYS A 31 1.81 -0.46 -2.94
CA CYS A 31 2.66 -1.60 -2.52
C CYS A 31 3.94 -1.65 -3.37
N SER A 32 5.02 -2.12 -2.81
CA SER A 32 6.29 -2.19 -3.59
C SER A 32 7.09 -3.42 -3.19
N PRO A 33 7.65 -4.06 -4.19
CA PRO A 33 8.46 -5.28 -3.95
C PRO A 33 9.80 -4.92 -3.31
N VAL A 34 10.06 -5.43 -2.13
CA VAL A 34 11.35 -5.12 -1.45
C VAL A 34 12.50 -5.84 -2.17
N GLU A 35 12.83 -5.41 -3.36
CA GLU A 35 13.95 -6.06 -4.11
C GLU A 35 15.24 -5.96 -3.31
N ASP A 1 -1.17 -13.32 3.82
CA ASP A 1 -1.53 -12.05 3.13
C ASP A 1 -1.09 -10.84 3.97
N HIS A 2 -0.51 -9.85 3.35
CA HIS A 2 -0.06 -8.65 4.11
C HIS A 2 -0.97 -7.46 3.80
N VAL A 3 -2.12 -7.39 4.42
CA VAL A 3 -3.05 -6.26 4.15
C VAL A 3 -2.49 -4.95 4.73
N CYS A 4 -2.81 -3.84 4.13
CA CYS A 4 -2.31 -2.54 4.64
C CYS A 4 -3.43 -1.80 5.38
N ASP A 5 -4.40 -1.31 4.65
CA ASP A 5 -5.52 -0.57 5.30
C ASP A 5 -6.86 -1.24 4.96
N ASP A 6 -6.90 -2.55 4.98
CA ASP A 6 -8.16 -3.28 4.67
C ASP A 6 -8.46 -3.24 3.17
N ASN A 7 -7.67 -2.54 2.40
CA ASN A 7 -7.93 -2.48 0.93
C ASN A 7 -6.68 -2.94 0.17
N PHE A 8 -5.76 -3.57 0.84
CA PHE A 8 -4.53 -4.06 0.15
C PHE A 8 -4.14 -5.43 0.69
N SER A 9 -3.03 -5.97 0.25
CA SER A 9 -2.62 -7.32 0.75
C SER A 9 -1.15 -7.59 0.41
N CYS A 10 -0.73 -7.26 -0.79
CA CYS A 10 0.68 -7.53 -1.17
C CYS A 10 1.08 -8.92 -0.68
N PRO A 11 0.81 -9.90 -1.51
CA PRO A 11 1.10 -11.31 -1.16
C PRO A 11 2.61 -11.56 -1.10
N ALA A 12 3.33 -11.16 -2.11
CA ALA A 12 4.81 -11.38 -2.09
C ALA A 12 5.41 -10.76 -0.84
N GLY A 13 4.78 -9.75 -0.31
CA GLY A 13 5.31 -9.10 0.91
C GLY A 13 5.44 -7.59 0.66
N SER A 14 6.14 -7.21 -0.37
CA SER A 14 6.31 -5.77 -0.69
C SER A 14 6.43 -4.95 0.59
N THR A 15 5.91 -3.75 0.59
CA THR A 15 5.99 -2.89 1.80
C THR A 15 5.15 -1.64 1.61
N CYS A 16 3.88 -1.70 1.93
CA CYS A 16 3.01 -0.50 1.75
C CYS A 16 3.74 0.75 2.26
N SER A 17 3.24 1.91 1.95
CA SER A 17 3.92 3.15 2.40
C SER A 17 2.94 4.33 2.41
N SER A 18 1.67 4.05 2.47
CA SER A 18 0.68 5.16 2.49
C SER A 18 1.00 6.17 1.39
N ALA A 19 0.49 5.97 0.21
CA ALA A 19 0.78 6.93 -0.89
C ALA A 19 -0.43 7.83 -1.13
N PHE A 20 -0.59 8.35 -2.31
CA PHE A 20 -1.74 9.25 -2.59
C PHE A 20 -1.63 10.55 -1.80
N GLY A 21 -1.68 11.66 -2.46
CA GLY A 21 -1.57 12.96 -1.74
C GLY A 21 -1.97 14.11 -2.66
N PHE A 22 -2.78 13.83 -3.66
CA PHE A 22 -3.21 14.90 -4.59
C PHE A 22 -4.48 15.57 -4.06
N ARG A 23 -5.54 14.82 -3.94
CA ARG A 23 -6.81 15.40 -3.42
C ARG A 23 -7.19 14.69 -2.11
N ASN A 24 -6.62 13.54 -1.87
CA ASN A 24 -6.94 12.80 -0.62
C ASN A 24 -8.41 12.36 -0.61
N LEU A 25 -8.71 11.26 -1.25
CA LEU A 25 -10.12 10.80 -1.28
C LEU A 25 -10.19 9.27 -1.09
N SER A 26 -9.18 8.55 -1.49
CA SER A 26 -9.22 7.07 -1.32
C SER A 26 -7.86 6.53 -0.87
N LEU A 27 -6.90 7.39 -0.69
CA LEU A 27 -5.55 6.92 -0.24
C LEU A 27 -5.02 5.84 -1.20
N VAL A 28 -5.36 4.61 -0.98
CA VAL A 28 -4.86 3.52 -1.87
C VAL A 28 -3.35 3.68 -2.09
N TRP A 29 -2.56 3.00 -1.30
CA TRP A 29 -1.08 3.13 -1.47
C TRP A 29 -0.59 2.16 -2.54
N GLY A 30 0.56 1.56 -2.33
CA GLY A 30 1.10 0.60 -3.34
C GLY A 30 2.01 -0.41 -2.65
N CYS A 31 1.86 -1.68 -2.97
CA CYS A 31 2.72 -2.71 -2.34
C CYS A 31 4.18 -2.53 -2.78
N SER A 32 4.87 -1.59 -2.20
CA SER A 32 6.29 -1.35 -2.59
C SER A 32 7.07 -2.67 -2.52
N PRO A 33 7.84 -2.92 -3.55
CA PRO A 33 8.65 -4.16 -3.59
C PRO A 33 9.81 -4.10 -2.60
N VAL A 34 10.24 -5.22 -2.11
CA VAL A 34 11.37 -5.22 -1.13
C VAL A 34 12.69 -5.51 -1.84
N GLU A 35 13.09 -4.66 -2.74
CA GLU A 35 14.37 -4.90 -3.48
C GLU A 35 15.28 -3.67 -3.33
N ASP A 1 2.37 -6.22 2.31
CA ASP A 1 2.06 -7.45 3.10
C ASP A 1 0.55 -7.55 3.35
N HIS A 2 0.05 -8.75 3.44
CA HIS A 2 -1.42 -8.96 3.66
C HIS A 2 -2.04 -7.82 4.48
N VAL A 3 -3.30 -7.57 4.25
CA VAL A 3 -4.03 -6.48 4.99
C VAL A 3 -3.31 -5.13 4.86
N CYS A 4 -4.07 -4.07 4.83
CA CYS A 4 -3.48 -2.70 4.71
C CYS A 4 -4.61 -1.67 4.56
N ASP A 5 -5.15 -1.22 5.66
CA ASP A 5 -6.26 -0.23 5.60
C ASP A 5 -7.53 -0.89 5.07
N ASP A 6 -7.62 -2.19 5.18
CA ASP A 6 -8.83 -2.91 4.69
C ASP A 6 -9.14 -2.50 3.24
N ASN A 7 -8.18 -1.97 2.54
CA ASN A 7 -8.42 -1.56 1.13
C ASN A 7 -7.20 -1.88 0.26
N PHE A 8 -6.27 -2.63 0.79
CA PHE A 8 -5.06 -2.96 -0.02
C PHE A 8 -4.14 -3.89 0.79
N SER A 9 -3.19 -4.51 0.13
CA SER A 9 -2.26 -5.42 0.86
C SER A 9 -1.40 -6.21 -0.14
N CYS A 10 -0.16 -6.43 0.21
CA CYS A 10 0.75 -7.19 -0.70
C CYS A 10 1.29 -8.41 0.06
N PRO A 11 2.22 -9.10 -0.55
CA PRO A 11 2.81 -10.27 0.11
C PRO A 11 4.02 -9.87 0.97
N ALA A 12 4.76 -10.83 1.45
CA ALA A 12 5.94 -10.52 2.30
C ALA A 12 7.16 -10.20 1.42
N GLY A 13 6.99 -10.20 0.13
CA GLY A 13 8.13 -9.91 -0.78
C GLY A 13 8.21 -8.40 -1.04
N SER A 14 7.10 -7.73 -0.98
CA SER A 14 7.12 -6.25 -1.23
C SER A 14 6.87 -5.51 0.09
N THR A 15 6.24 -4.36 0.03
CA THR A 15 5.98 -3.59 1.27
C THR A 15 4.88 -2.55 1.05
N CYS A 16 3.82 -2.63 1.80
CA CYS A 16 2.71 -1.65 1.63
C CYS A 16 3.25 -0.21 1.70
N SER A 17 3.04 0.57 0.67
CA SER A 17 3.55 1.97 0.69
C SER A 17 2.71 2.82 1.65
N SER A 18 1.63 3.38 1.19
CA SER A 18 0.78 4.21 2.09
C SER A 18 -0.45 4.74 1.34
N ALA A 19 -0.77 5.99 1.50
CA ALA A 19 -1.96 6.58 0.81
C ALA A 19 -2.24 7.98 1.34
N PHE A 20 -3.05 8.74 0.66
CA PHE A 20 -3.35 10.12 1.16
C PHE A 20 -4.80 10.22 1.64
N GLY A 21 -5.00 10.22 2.94
CA GLY A 21 -6.37 10.34 3.48
C GLY A 21 -6.74 11.82 3.64
N PHE A 22 -5.86 12.70 3.23
CA PHE A 22 -6.15 14.15 3.36
C PHE A 22 -5.95 14.84 2.01
N ARG A 23 -6.66 15.90 1.74
CA ARG A 23 -6.51 16.61 0.44
C ARG A 23 -7.05 15.75 -0.70
N ASN A 24 -6.56 14.54 -0.84
CA ASN A 24 -7.05 13.66 -1.92
C ASN A 24 -8.35 12.95 -1.49
N LEU A 25 -8.69 13.03 -0.24
CA LEU A 25 -9.93 12.36 0.24
C LEU A 25 -9.98 10.92 -0.25
N SER A 26 -8.84 10.31 -0.44
CA SER A 26 -8.81 8.89 -0.91
C SER A 26 -7.68 8.14 -0.21
N LEU A 27 -7.21 7.06 -0.79
CA LEU A 27 -6.11 6.30 -0.15
C LEU A 27 -4.98 6.06 -1.16
N VAL A 28 -5.22 5.24 -2.15
CA VAL A 28 -4.15 4.97 -3.16
C VAL A 28 -2.90 4.44 -2.46
N TRP A 29 -2.56 3.19 -2.68
CA TRP A 29 -1.34 2.63 -2.02
C TRP A 29 -0.31 2.20 -3.06
N GLY A 30 0.81 1.69 -2.62
CA GLY A 30 1.86 1.25 -3.59
C GLY A 30 2.56 0.01 -3.05
N CYS A 31 3.07 -0.82 -3.92
CA CYS A 31 3.77 -2.05 -3.45
C CYS A 31 5.20 -2.07 -4.00
N SER A 32 6.19 -2.03 -3.13
CA SER A 32 7.60 -2.04 -3.60
C SER A 32 8.23 -3.42 -3.33
N PRO A 33 8.46 -4.14 -4.40
CA PRO A 33 9.08 -5.48 -4.29
C PRO A 33 10.56 -5.36 -3.94
N VAL A 34 11.14 -6.38 -3.35
CA VAL A 34 12.58 -6.32 -2.99
C VAL A 34 13.45 -6.62 -4.22
N GLU A 35 12.89 -7.26 -5.21
CA GLU A 35 13.68 -7.58 -6.43
C GLU A 35 12.78 -7.59 -7.66
N ASP A 1 1.02 -13.02 2.98
CA ASP A 1 0.02 -12.00 2.50
C ASP A 1 -0.04 -10.83 3.48
N HIS A 2 0.20 -9.63 3.01
CA HIS A 2 0.16 -8.45 3.92
C HIS A 2 -1.21 -7.77 3.85
N VAL A 3 -1.31 -6.56 4.32
CA VAL A 3 -2.62 -5.85 4.29
C VAL A 3 -2.41 -4.33 4.40
N CYS A 4 -2.82 -3.60 3.39
CA CYS A 4 -2.66 -2.11 3.43
C CYS A 4 -4.00 -1.44 3.70
N ASP A 5 -4.24 -1.05 4.93
CA ASP A 5 -5.53 -0.39 5.27
C ASP A 5 -6.69 -1.39 5.19
N ASP A 6 -6.38 -2.66 5.17
CA ASP A 6 -7.46 -3.69 5.11
C ASP A 6 -8.10 -3.73 3.71
N ASN A 7 -8.51 -2.62 3.19
CA ASN A 7 -9.14 -2.62 1.84
C ASN A 7 -8.09 -2.85 0.74
N PHE A 8 -7.32 -3.89 0.88
CA PHE A 8 -6.27 -4.18 -0.16
C PHE A 8 -5.49 -5.43 0.23
N SER A 9 -4.43 -5.73 -0.46
CA SER A 9 -3.63 -6.94 -0.13
C SER A 9 -2.29 -6.91 -0.87
N CYS A 10 -1.30 -7.59 -0.35
CA CYS A 10 0.02 -7.62 -1.01
C CYS A 10 0.87 -8.76 -0.44
N PRO A 11 1.65 -9.35 -1.29
CA PRO A 11 2.53 -10.48 -0.88
C PRO A 11 3.68 -9.98 0.00
N ALA A 12 4.36 -10.88 0.66
CA ALA A 12 5.49 -10.46 1.54
C ALA A 12 6.64 -9.93 0.69
N GLY A 13 6.64 -10.21 -0.59
CA GLY A 13 7.73 -9.72 -1.47
C GLY A 13 7.61 -8.20 -1.62
N SER A 14 6.51 -7.64 -1.23
CA SER A 14 6.32 -6.16 -1.36
C SER A 14 6.09 -5.54 0.02
N THR A 15 5.35 -4.46 0.07
CA THR A 15 5.07 -3.79 1.38
C THR A 15 3.98 -2.73 1.22
N CYS A 16 3.20 -2.50 2.25
CA CYS A 16 2.13 -1.47 2.15
C CYS A 16 2.75 -0.07 2.10
N SER A 17 2.86 0.51 0.93
CA SER A 17 3.45 1.87 0.84
C SER A 17 2.76 2.82 1.82
N SER A 18 1.74 3.51 1.40
CA SER A 18 1.05 4.44 2.33
C SER A 18 -0.19 5.08 1.71
N ALA A 19 -0.03 6.20 1.06
CA ALA A 19 -1.22 6.88 0.46
C ALA A 19 -1.22 6.74 -1.06
N PHE A 20 -1.93 7.60 -1.74
CA PHE A 20 -1.98 7.51 -3.23
C PHE A 20 -0.61 7.81 -3.83
N GLY A 21 -0.56 8.20 -5.07
CA GLY A 21 0.75 8.51 -5.71
C GLY A 21 0.68 8.21 -7.20
N PHE A 22 -0.42 8.51 -7.83
CA PHE A 22 -0.53 8.25 -9.30
C PHE A 22 -1.47 9.26 -9.95
N ARG A 23 -2.50 9.67 -9.26
CA ARG A 23 -3.45 10.66 -9.85
C ARG A 23 -4.54 11.03 -8.84
N ASN A 24 -5.12 10.05 -8.19
CA ASN A 24 -6.20 10.35 -7.20
C ASN A 24 -5.60 10.89 -5.90
N LEU A 25 -6.22 11.87 -5.30
CA LEU A 25 -5.68 12.43 -4.03
C LEU A 25 -6.33 11.73 -2.83
N SER A 26 -6.35 10.42 -2.84
CA SER A 26 -6.97 9.68 -1.70
C SER A 26 -5.92 8.84 -0.98
N LEU A 27 -6.33 7.89 -0.19
CA LEU A 27 -5.33 7.05 0.53
C LEU A 27 -4.75 5.98 -0.40
N VAL A 28 -5.41 4.88 -0.54
CA VAL A 28 -4.87 3.81 -1.43
C VAL A 28 -3.45 3.46 -0.97
N TRP A 29 -2.90 2.39 -1.46
CA TRP A 29 -1.53 2.00 -1.04
C TRP A 29 -0.72 1.51 -2.24
N GLY A 30 0.50 1.96 -2.35
CA GLY A 30 1.34 1.53 -3.51
C GLY A 30 2.25 0.36 -3.10
N CYS A 31 1.92 -0.83 -3.52
CA CYS A 31 2.77 -2.00 -3.16
C CYS A 31 4.17 -1.85 -3.78
N SER A 32 5.20 -1.94 -2.99
CA SER A 32 6.58 -1.78 -3.54
C SER A 32 7.46 -2.93 -3.06
N PRO A 33 8.64 -3.02 -3.63
CA PRO A 33 9.59 -4.09 -3.25
C PRO A 33 10.18 -3.84 -1.85
N VAL A 34 10.03 -4.79 -0.97
CA VAL A 34 10.57 -4.61 0.40
C VAL A 34 12.10 -4.58 0.36
N GLU A 35 12.67 -3.42 0.14
CA GLU A 35 14.16 -3.30 0.09
C GLU A 35 14.83 -4.23 1.10
N ASP A 1 0.51 -13.52 1.90
CA ASP A 1 -0.75 -12.75 1.67
C ASP A 1 -0.97 -11.75 2.81
N HIS A 2 -0.02 -10.88 3.04
CA HIS A 2 -0.17 -9.87 4.13
C HIS A 2 -1.39 -8.97 3.86
N VAL A 3 -1.41 -7.80 4.43
CA VAL A 3 -2.56 -6.87 4.22
C VAL A 3 -2.04 -5.46 3.92
N CYS A 4 -2.92 -4.53 3.67
CA CYS A 4 -2.47 -3.14 3.38
C CYS A 4 -3.61 -2.14 3.64
N ASP A 5 -3.84 -1.81 4.88
CA ASP A 5 -4.92 -0.83 5.21
C ASP A 5 -6.30 -1.39 4.85
N ASP A 6 -6.44 -2.68 4.79
CA ASP A 6 -7.77 -3.28 4.46
C ASP A 6 -8.17 -3.00 3.00
N ASN A 7 -7.34 -2.31 2.26
CA ASN A 7 -7.68 -2.01 0.84
C ASN A 7 -6.90 -2.93 -0.10
N PHE A 8 -5.77 -3.42 0.35
CA PHE A 8 -4.96 -4.32 -0.52
C PHE A 8 -4.15 -5.29 0.35
N SER A 9 -3.58 -6.31 -0.24
CA SER A 9 -2.78 -7.28 0.55
C SER A 9 -1.41 -7.50 -0.10
N CYS A 10 -0.41 -7.72 0.69
CA CYS A 10 0.95 -7.95 0.13
C CYS A 10 1.26 -9.45 0.13
N PRO A 11 2.25 -9.82 -0.63
CA PRO A 11 2.63 -11.24 -0.72
C PRO A 11 3.42 -11.67 0.54
N ALA A 12 4.71 -11.53 0.53
CA ALA A 12 5.51 -11.93 1.72
C ALA A 12 6.10 -10.69 2.39
N GLY A 13 7.20 -10.19 1.89
CA GLY A 13 7.83 -8.99 2.50
C GLY A 13 7.20 -7.73 1.89
N SER A 14 7.61 -7.36 0.71
CA SER A 14 7.03 -6.14 0.07
C SER A 14 6.92 -5.00 1.08
N THR A 15 6.04 -4.06 0.84
CA THR A 15 5.89 -2.93 1.80
C THR A 15 4.58 -2.20 1.55
N CYS A 16 3.81 -1.95 2.58
CA CYS A 16 2.52 -1.25 2.40
C CYS A 16 2.75 0.26 2.33
N SER A 17 2.30 0.89 1.28
CA SER A 17 2.50 2.36 1.14
C SER A 17 1.28 3.12 1.67
N SER A 18 1.01 4.27 1.11
CA SER A 18 -0.16 5.08 1.56
C SER A 18 -0.08 6.48 0.94
N ALA A 19 0.08 6.54 -0.35
CA ALA A 19 0.19 7.87 -1.03
C ALA A 19 -1.12 8.66 -0.92
N PHE A 20 -1.27 9.68 -1.72
CA PHE A 20 -2.52 10.50 -1.68
C PHE A 20 -2.77 11.15 -3.04
N GLY A 21 -2.18 12.30 -3.28
CA GLY A 21 -2.39 12.99 -4.59
C GLY A 21 -1.74 14.37 -4.53
N PHE A 22 -2.32 15.29 -3.81
CA PHE A 22 -1.75 16.66 -3.73
C PHE A 22 -1.89 17.20 -2.29
N ARG A 23 -2.98 16.91 -1.66
CA ARG A 23 -3.18 17.40 -0.26
C ARG A 23 -3.45 16.21 0.67
N ASN A 24 -4.68 15.79 0.76
CA ASN A 24 -4.99 14.63 1.65
C ASN A 24 -6.47 14.24 1.51
N LEU A 25 -6.91 14.00 0.32
CA LEU A 25 -8.34 13.60 0.11
C LEU A 25 -8.47 12.08 0.02
N SER A 26 -7.69 11.47 -0.84
CA SER A 26 -7.75 9.99 -0.99
C SER A 26 -6.32 9.42 -1.01
N LEU A 27 -6.07 8.41 -0.22
CA LEU A 27 -4.71 7.82 -0.19
C LEU A 27 -4.26 7.42 -1.59
N VAL A 28 -4.92 6.48 -2.21
CA VAL A 28 -4.52 6.05 -3.57
C VAL A 28 -3.09 5.49 -3.56
N TRP A 29 -2.94 4.20 -3.49
CA TRP A 29 -1.58 3.58 -3.49
C TRP A 29 -1.68 2.06 -3.39
N GLY A 30 -0.62 1.42 -2.98
CA GLY A 30 -0.64 -0.06 -2.86
C GLY A 30 0.66 -0.56 -2.22
N CYS A 31 0.78 -1.84 -2.03
CA CYS A 31 2.03 -2.39 -1.41
C CYS A 31 3.18 -2.33 -2.42
N SER A 32 4.35 -1.92 -1.99
CA SER A 32 5.51 -1.85 -2.92
C SER A 32 6.34 -3.14 -2.79
N PRO A 33 6.60 -3.76 -3.91
CA PRO A 33 7.39 -5.01 -3.91
C PRO A 33 8.87 -4.73 -3.63
N VAL A 34 9.17 -4.16 -2.48
CA VAL A 34 10.58 -3.85 -2.11
C VAL A 34 11.42 -3.52 -3.35
N GLU A 35 10.96 -2.59 -4.16
CA GLU A 35 11.74 -2.20 -5.37
C GLU A 35 11.48 -0.74 -5.73
N ASP A 1 0.70 -13.95 1.66
CA ASP A 1 -0.48 -13.03 1.72
C ASP A 1 -0.34 -12.07 2.91
N HIS A 2 -0.54 -10.80 2.68
CA HIS A 2 -0.42 -9.81 3.79
C HIS A 2 -1.35 -8.61 3.54
N VAL A 3 -1.36 -7.66 4.43
CA VAL A 3 -2.25 -6.47 4.24
C VAL A 3 -1.57 -5.21 4.79
N CYS A 4 -1.71 -4.10 4.10
CA CYS A 4 -1.06 -2.84 4.60
C CYS A 4 -2.11 -1.93 5.26
N ASP A 5 -3.24 -1.73 4.64
CA ASP A 5 -4.28 -0.84 5.25
C ASP A 5 -5.69 -1.36 4.95
N ASP A 6 -5.91 -2.65 5.06
CA ASP A 6 -7.27 -3.20 4.78
C ASP A 6 -7.63 -3.04 3.30
N ASN A 7 -7.67 -1.83 2.82
CA ASN A 7 -8.03 -1.59 1.39
C ASN A 7 -7.04 -2.29 0.46
N PHE A 8 -5.94 -2.77 0.98
CA PHE A 8 -4.93 -3.46 0.11
C PHE A 8 -4.59 -4.84 0.69
N SER A 9 -3.64 -5.51 0.11
CA SER A 9 -3.26 -6.85 0.63
C SER A 9 -1.82 -7.20 0.23
N CYS A 10 -1.63 -7.84 -0.89
CA CYS A 10 -0.26 -8.20 -1.33
C CYS A 10 0.37 -9.19 -0.34
N PRO A 11 1.35 -9.92 -0.81
CA PRO A 11 2.04 -10.92 0.03
C PRO A 11 2.96 -10.23 1.06
N ALA A 12 3.64 -10.99 1.86
CA ALA A 12 4.55 -10.39 2.88
C ALA A 12 5.86 -9.94 2.21
N GLY A 13 6.26 -10.58 1.15
CA GLY A 13 7.51 -10.19 0.46
C GLY A 13 7.49 -8.69 0.19
N SER A 14 6.48 -8.22 -0.51
CA SER A 14 6.39 -6.76 -0.81
C SER A 14 5.68 -6.03 0.34
N THR A 15 5.53 -4.75 0.23
CA THR A 15 4.85 -3.97 1.31
C THR A 15 3.71 -3.14 0.69
N CYS A 16 3.87 -1.85 0.59
CA CYS A 16 2.78 -1.02 -0.03
C CYS A 16 3.29 0.39 -0.32
N SER A 17 3.14 0.83 -1.54
CA SER A 17 3.60 2.20 -1.91
C SER A 17 3.27 3.19 -0.79
N SER A 18 2.01 3.48 -0.60
CA SER A 18 1.63 4.42 0.49
C SER A 18 0.12 4.70 0.47
N ALA A 19 -0.30 5.89 0.13
CA ALA A 19 -1.75 6.20 0.13
C ALA A 19 -2.02 7.52 -0.61
N PHE A 20 -1.35 8.56 -0.22
CA PHE A 20 -1.57 9.87 -0.91
C PHE A 20 -0.25 10.66 -0.91
N GLY A 21 -0.32 11.95 -1.15
CA GLY A 21 0.92 12.76 -1.16
C GLY A 21 1.33 13.09 0.28
N PHE A 22 0.96 14.25 0.76
CA PHE A 22 1.32 14.62 2.16
C PHE A 22 0.08 15.18 2.88
N ARG A 23 -1.07 15.02 2.29
CA ARG A 23 -2.32 15.53 2.93
C ARG A 23 -3.33 14.39 3.08
N ASN A 24 -4.51 14.53 2.52
CA ASN A 24 -5.53 13.45 2.63
C ASN A 24 -6.39 13.40 1.36
N LEU A 25 -5.82 13.75 0.24
CA LEU A 25 -6.60 13.71 -1.04
C LEU A 25 -7.46 12.46 -1.09
N SER A 26 -6.87 11.32 -0.83
CA SER A 26 -7.65 10.05 -0.87
C SER A 26 -6.69 8.86 -0.78
N LEU A 27 -7.20 7.68 -0.55
CA LEU A 27 -6.32 6.49 -0.45
C LEU A 27 -5.89 6.02 -1.84
N VAL A 28 -4.93 6.68 -2.42
CA VAL A 28 -4.44 6.27 -3.77
C VAL A 28 -3.02 5.72 -3.66
N TRP A 29 -2.88 4.42 -3.60
CA TRP A 29 -1.52 3.83 -3.48
C TRP A 29 -1.52 2.38 -3.99
N GLY A 30 -0.61 1.57 -3.52
CA GLY A 30 -0.57 0.16 -4.01
C GLY A 30 0.53 -0.63 -3.29
N CYS A 31 1.05 -1.65 -3.93
CA CYS A 31 2.12 -2.47 -3.31
C CYS A 31 3.50 -1.83 -3.50
N SER A 32 4.51 -2.44 -2.93
CA SER A 32 5.89 -1.89 -3.07
C SER A 32 6.90 -2.92 -2.54
N PRO A 33 8.03 -2.98 -3.19
CA PRO A 33 9.08 -3.95 -2.77
C PRO A 33 9.73 -3.50 -1.46
N VAL A 34 9.77 -4.36 -0.48
CA VAL A 34 10.40 -3.99 0.82
C VAL A 34 11.90 -3.82 0.64
N GLU A 35 12.43 -4.24 -0.49
CA GLU A 35 13.89 -4.13 -0.75
C GLU A 35 14.69 -4.40 0.53
#